data_1SY6
#
_entry.id   1SY6
#
_cell.length_a   67.702
_cell.length_b   55.770
_cell.length_c   96.050
_cell.angle_alpha   90.00
_cell.angle_beta   100.85
_cell.angle_gamma   90.00
#
_symmetry.space_group_name_H-M   'P 1 21 1'
#
loop_
_entity.id
_entity.type
_entity.pdbx_description
1 polymer 'OKT3 Fab light chain'
2 polymer 'OKT3 Fab heavy chain'
3 polymer 'T-cell surface glycoprotein CD3 gamma/epsilon chain'
#
loop_
_entity_poly.entity_id
_entity_poly.type
_entity_poly.pdbx_seq_one_letter_code
_entity_poly.pdbx_strand_id
1 'polypeptide(L)'
;QIVLTQSPAIMSASPGEKVTMTCSASSSVSYMNWYQQKSGTSPKRWIYDTSKLASGVPAHFRGSGSGTSYSLTISGMEAE
DAATYYCQQWSSNPFTFGSGTKLEINRADTAPTVSIFPPSSEQLTSGGASVVCFLNNFYPKDINVKWKIDGSERQNGVLN
SWTDQDSKDSTYSMSSTLTLTKDEYERHNSYTCEATHKTSTSPIVKSFNRNEC
;
L
2 'polypeptide(L)'
;QVQLQQSGAELARPGASVKMSCKASGYTFTRYTMHWVKQRPGQGLEWIGYINPSRGYTNYNQKFKDKATLTTDKSSSTAY
MQLSSLTSEDSAVYYCARYYDDHYCLDYWGQGTTLTVSSAKTTAPSVYPLAPVCGGTTGSSVTLGCLVKGYFPEPVTLTW
NSGSLSSGVHTFPAVLQSDLYTLSSSVTVTSSTWPSQSITCNVAHPASSTKVDKKIEPR
;
H
3 'polypeptide(L)'
;MQSIKGNHLVKVYDYQEDGSVLLTCDAEAKNITWFKDGKMIGFLTEDKKKWNLGSNAKDPRGMYQCKGSQNKSKPLQVYY
RMGSADDAKKDAAKKDDAKKDDAKKDGSDGNEEMGGITQTPYKVSISGTTVILTCPQYPGSEILWQHNDKNIGGDEDDKN
IGSDEDHLSLKEFSELEQSGYYVCYPRGSKPEDANFYLYLRARV
;
A
#
# COMPACT_ATOMS: atom_id res chain seq x y z
N GLN A 1 -8.41 -12.31 9.76
CA GLN A 1 -9.64 -13.14 9.79
C GLN A 1 -10.38 -13.03 8.44
N ILE A 2 -10.83 -11.83 8.07
CA ILE A 2 -11.52 -11.69 6.80
C ILE A 2 -10.55 -11.84 5.63
N VAL A 3 -10.81 -12.85 4.80
CA VAL A 3 -9.99 -13.15 3.64
C VAL A 3 -10.56 -12.45 2.42
N LEU A 4 -9.69 -11.74 1.69
CA LEU A 4 -10.12 -11.03 0.49
C LEU A 4 -9.50 -11.72 -0.71
N THR A 5 -10.33 -12.38 -1.50
CA THR A 5 -9.87 -13.11 -2.67
C THR A 5 -10.00 -12.28 -3.93
N GLN A 6 -8.88 -11.92 -4.52
CA GLN A 6 -8.87 -11.10 -5.73
C GLN A 6 -8.73 -11.94 -6.98
N SER A 7 -9.44 -11.54 -8.04
CA SER A 7 -9.41 -12.24 -9.31
C SER A 7 -9.65 -11.23 -10.41
N PRO A 8 -8.93 -11.38 -11.53
CA PRO A 8 -7.94 -12.45 -11.71
C PRO A 8 -6.63 -12.04 -11.04
N ALA A 9 -5.74 -12.99 -10.81
CA ALA A 9 -4.46 -12.69 -10.16
C ALA A 9 -3.57 -11.88 -11.08
N ILE A 10 -3.60 -12.22 -12.36
CA ILE A 10 -2.79 -11.52 -13.35
C ILE A 10 -3.59 -11.36 -14.62
N MET A 11 -3.43 -10.22 -15.29
CA MET A 11 -4.16 -9.99 -16.52
C MET A 11 -3.49 -8.90 -17.35
N SER A 12 -3.82 -8.85 -18.63
CA SER A 12 -3.27 -7.83 -19.52
C SER A 12 -4.40 -7.36 -20.42
N ALA A 13 -4.45 -6.07 -20.69
CA ALA A 13 -5.50 -5.51 -21.52
C ALA A 13 -4.92 -4.58 -22.58
N SER A 14 -5.53 -4.61 -23.75
CA SER A 14 -5.08 -3.75 -24.85
C SER A 14 -5.63 -2.36 -24.56
N PRO A 15 -4.97 -1.32 -25.06
CA PRO A 15 -5.47 0.04 -24.80
C PRO A 15 -6.90 0.24 -25.28
N GLY A 16 -7.71 0.88 -24.45
CA GLY A 16 -9.09 1.14 -24.81
C GLY A 16 -10.09 0.14 -24.25
N GLU A 17 -9.60 -1.04 -23.86
CA GLU A 17 -10.48 -2.06 -23.32
C GLU A 17 -11.01 -1.69 -21.95
N LYS A 18 -12.11 -2.33 -21.57
CA LYS A 18 -12.74 -2.11 -20.28
C LYS A 18 -12.23 -3.24 -19.39
N VAL A 19 -11.51 -2.88 -18.33
CA VAL A 19 -10.95 -3.86 -17.41
C VAL A 19 -11.76 -3.95 -16.11
N THR A 20 -12.03 -5.17 -15.67
CA THR A 20 -12.78 -5.39 -14.44
C THR A 20 -12.07 -6.37 -13.51
N MET A 21 -11.73 -5.94 -12.30
CA MET A 21 -11.09 -6.85 -11.35
C MET A 21 -11.97 -6.91 -10.12
N THR A 22 -12.05 -8.10 -9.51
CA THR A 22 -12.91 -8.27 -8.35
C THR A 22 -12.20 -8.67 -7.06
N CYS A 23 -12.90 -8.45 -5.95
CA CYS A 23 -12.40 -8.76 -4.63
C CYS A 23 -13.61 -9.38 -3.91
N SER A 24 -13.45 -10.62 -3.46
CA SER A 24 -14.52 -11.32 -2.76
C SER A 24 -14.14 -11.54 -1.30
N ALA A 25 -14.92 -10.96 -0.39
CA ALA A 25 -14.66 -11.08 1.04
C ALA A 25 -15.30 -12.33 1.63
N SER A 26 -14.59 -12.99 2.55
CA SER A 26 -15.11 -14.21 3.17
C SER A 26 -16.32 -13.93 4.04
N SER A 27 -16.46 -12.67 4.46
CA SER A 27 -17.60 -12.24 5.28
C SER A 27 -17.94 -10.83 4.82
N SER A 28 -19.18 -10.41 5.06
CA SER A 28 -19.61 -9.09 4.65
C SER A 28 -18.77 -7.97 5.28
N VAL A 29 -18.51 -6.92 4.49
CA VAL A 29 -17.75 -5.77 4.95
C VAL A 29 -18.53 -4.57 4.44
N SER A 30 -18.56 -3.48 5.19
CA SER A 30 -19.31 -2.30 4.79
C SER A 30 -18.66 -1.44 3.71
N TYR A 31 -17.38 -1.67 3.43
CA TYR A 31 -16.72 -0.89 2.39
C TYR A 31 -15.41 -1.57 1.98
N MET A 32 -14.88 -1.15 0.84
CA MET A 32 -13.64 -1.70 0.32
C MET A 32 -12.77 -0.60 -0.26
N ASN A 33 -11.46 -0.69 -0.02
CA ASN A 33 -10.50 0.27 -0.53
C ASN A 33 -9.63 -0.42 -1.56
N TRP A 34 -8.97 0.36 -2.41
CA TRP A 34 -8.07 -0.18 -3.41
C TRP A 34 -6.81 0.65 -3.49
N TYR A 35 -5.66 -0.01 -3.46
CA TYR A 35 -4.39 0.70 -3.53
C TYR A 35 -3.67 0.29 -4.81
N GLN A 36 -2.98 1.25 -5.42
CA GLN A 36 -2.24 0.98 -6.64
C GLN A 36 -0.74 0.99 -6.34
N GLN A 37 -0.02 0.01 -6.87
CA GLN A 37 1.42 -0.03 -6.66
C GLN A 37 2.14 -0.33 -7.95
N LYS A 38 3.12 0.52 -8.25
CA LYS A 38 3.93 0.33 -9.45
C LYS A 38 5.32 -0.07 -8.96
N SER A 39 6.04 -0.83 -9.80
CA SER A 39 7.37 -1.31 -9.45
C SER A 39 8.32 -0.32 -8.80
N GLY A 40 8.93 -0.76 -7.70
CA GLY A 40 9.88 0.07 -6.99
C GLY A 40 9.34 1.24 -6.17
N THR A 41 8.03 1.33 -6.00
CA THR A 41 7.49 2.44 -5.23
C THR A 41 6.42 2.01 -4.22
N SER A 42 6.07 2.92 -3.31
CA SER A 42 5.08 2.63 -2.28
C SER A 42 3.67 2.54 -2.82
N PRO A 43 2.80 1.76 -2.16
CA PRO A 43 1.42 1.64 -2.63
C PRO A 43 0.81 3.04 -2.56
N LYS A 44 -0.17 3.31 -3.43
CA LYS A 44 -0.84 4.61 -3.43
C LYS A 44 -2.34 4.42 -3.21
N ARG A 45 -2.92 5.24 -2.35
CA ARG A 45 -4.36 5.19 -2.09
C ARG A 45 -4.98 5.51 -3.44
N TRP A 46 -5.89 4.66 -3.93
CA TRP A 46 -6.49 4.87 -5.24
C TRP A 46 -7.99 5.10 -5.15
N ILE A 47 -8.70 4.14 -4.58
CA ILE A 47 -10.14 4.23 -4.39
C ILE A 47 -10.41 3.95 -2.93
N TYR A 48 -11.21 4.81 -2.29
CA TYR A 48 -11.52 4.63 -0.88
C TYR A 48 -13.03 4.68 -0.63
N ASP A 49 -13.45 4.05 0.46
CA ASP A 49 -14.87 4.03 0.82
C ASP A 49 -15.66 3.46 -0.34
N THR A 50 -15.12 2.39 -0.92
CA THR A 50 -15.74 1.66 -2.03
C THR A 50 -15.76 2.29 -3.41
N SER A 51 -16.16 3.56 -3.50
CA SER A 51 -16.29 4.20 -4.80
C SER A 51 -15.72 5.60 -4.97
N LYS A 52 -15.10 6.15 -3.93
CA LYS A 52 -14.55 7.49 -4.05
C LYS A 52 -13.13 7.46 -4.59
N LEU A 53 -12.88 8.26 -5.63
CA LEU A 53 -11.56 8.33 -6.23
C LEU A 53 -10.68 9.35 -5.53
N ALA A 54 -9.46 8.94 -5.16
CA ALA A 54 -8.55 9.87 -4.51
C ALA A 54 -8.25 10.97 -5.51
N SER A 55 -7.82 12.13 -5.01
CA SER A 55 -7.51 13.25 -5.89
C SER A 55 -6.35 12.88 -6.80
N GLY A 56 -6.48 13.20 -8.09
CA GLY A 56 -5.42 12.88 -9.02
C GLY A 56 -5.65 11.57 -9.77
N VAL A 57 -6.52 10.71 -9.24
CA VAL A 57 -6.79 9.43 -9.90
C VAL A 57 -7.66 9.65 -11.15
N PRO A 58 -7.21 9.14 -12.30
CA PRO A 58 -7.97 9.30 -13.55
C PRO A 58 -9.45 8.97 -13.36
N ALA A 59 -10.31 9.85 -13.87
CA ALA A 59 -11.75 9.68 -13.73
C ALA A 59 -12.35 8.44 -14.39
N HIS A 60 -11.60 7.78 -15.27
CA HIS A 60 -12.15 6.59 -15.91
C HIS A 60 -12.04 5.35 -15.03
N PHE A 61 -11.64 5.55 -13.77
CA PHE A 61 -11.55 4.45 -12.83
C PHE A 61 -12.86 4.48 -12.05
N ARG A 62 -13.33 3.31 -11.63
CA ARG A 62 -14.56 3.24 -10.85
C ARG A 62 -14.53 2.08 -9.87
N GLY A 63 -14.97 2.34 -8.64
CA GLY A 63 -15.02 1.30 -7.64
C GLY A 63 -16.47 1.07 -7.27
N SER A 64 -16.83 -0.18 -6.97
CA SER A 64 -18.20 -0.46 -6.60
C SER A 64 -18.29 -1.77 -5.85
N GLY A 65 -19.49 -2.09 -5.38
CA GLY A 65 -19.67 -3.31 -4.65
C GLY A 65 -20.46 -3.14 -3.37
N SER A 66 -20.64 -4.24 -2.67
CA SER A 66 -21.38 -4.24 -1.42
C SER A 66 -21.30 -5.63 -0.83
N GLY A 67 -21.54 -5.73 0.49
CA GLY A 67 -21.51 -7.02 1.15
C GLY A 67 -20.21 -7.79 1.02
N THR A 68 -20.20 -8.82 0.17
CA THR A 68 -19.01 -9.65 0.01
C THR A 68 -18.40 -9.54 -1.38
N SER A 69 -18.99 -8.70 -2.24
CA SER A 69 -18.47 -8.58 -3.60
C SER A 69 -18.20 -7.16 -4.04
N TYR A 70 -16.94 -6.88 -4.36
CA TYR A 70 -16.55 -5.56 -4.80
C TYR A 70 -15.70 -5.66 -6.05
N SER A 71 -15.59 -4.56 -6.77
CA SER A 71 -14.81 -4.58 -7.98
C SER A 71 -14.26 -3.21 -8.30
N LEU A 72 -13.23 -3.20 -9.14
CA LEU A 72 -12.62 -1.96 -9.59
C LEU A 72 -12.68 -2.05 -11.09
N THR A 73 -13.13 -0.98 -11.74
CA THR A 73 -13.23 -0.98 -13.19
C THR A 73 -12.43 0.13 -13.84
N ILE A 74 -11.84 -0.19 -14.98
CA ILE A 74 -11.06 0.77 -15.74
C ILE A 74 -11.71 0.83 -17.12
N SER A 75 -12.41 1.92 -17.39
CA SER A 75 -13.10 2.08 -18.66
C SER A 75 -12.20 2.77 -19.67
N GLY A 76 -11.43 1.98 -20.40
CA GLY A 76 -10.52 2.55 -21.38
C GLY A 76 -9.11 2.45 -20.84
N MET A 77 -8.56 1.25 -20.89
CA MET A 77 -7.21 0.99 -20.41
C MET A 77 -6.16 1.88 -21.06
N GLU A 78 -5.33 2.51 -20.21
CA GLU A 78 -4.25 3.35 -20.68
C GLU A 78 -2.95 2.76 -20.13
N ALA A 79 -1.85 2.98 -20.84
CA ALA A 79 -0.55 2.47 -20.44
C ALA A 79 -0.25 2.73 -18.97
N GLU A 80 -0.57 3.92 -18.50
CA GLU A 80 -0.29 4.28 -17.12
C GLU A 80 -1.18 3.62 -16.08
N ASP A 81 -2.15 2.83 -16.53
CA ASP A 81 -3.04 2.14 -15.60
C ASP A 81 -2.43 0.79 -15.21
N ALA A 82 -1.43 0.35 -15.97
CA ALA A 82 -0.77 -0.92 -15.69
C ALA A 82 -0.12 -0.80 -14.32
N ALA A 83 -0.35 -1.79 -13.46
CA ALA A 83 0.18 -1.80 -12.11
C ALA A 83 -0.49 -2.93 -11.34
N THR A 84 -0.18 -3.04 -10.06
CA THR A 84 -0.80 -4.06 -9.22
C THR A 84 -1.78 -3.37 -8.27
N TYR A 85 -3.00 -3.91 -8.18
CA TYR A 85 -4.03 -3.35 -7.31
C TYR A 85 -4.40 -4.28 -6.17
N TYR A 86 -4.42 -3.75 -4.95
CA TYR A 86 -4.73 -4.53 -3.75
C TYR A 86 -6.01 -3.97 -3.10
N CYS A 87 -6.95 -4.83 -2.76
CA CYS A 87 -8.15 -4.36 -2.08
C CYS A 87 -7.86 -4.47 -0.59
N GLN A 88 -8.63 -3.75 0.22
CA GLN A 88 -8.40 -3.73 1.65
C GLN A 88 -9.67 -3.39 2.40
N GLN A 89 -9.84 -3.99 3.57
CA GLN A 89 -11.03 -3.77 4.40
C GLN A 89 -10.67 -3.62 5.87
N TRP A 90 -11.54 -2.96 6.62
CA TRP A 90 -11.34 -2.82 8.06
C TRP A 90 -12.67 -2.62 8.77
N SER A 91 -13.69 -3.34 8.30
CA SER A 91 -15.03 -3.30 8.90
C SER A 91 -14.96 -4.24 10.09
N SER A 92 -14.02 -5.18 10.01
CA SER A 92 -13.81 -6.14 11.08
C SER A 92 -12.32 -6.15 11.35
N ASN A 93 -11.97 -6.41 12.60
CA ASN A 93 -10.58 -6.46 13.01
C ASN A 93 -10.17 -7.93 12.86
N PRO A 94 -8.96 -8.20 12.35
CA PRO A 94 -7.91 -7.27 11.91
C PRO A 94 -8.06 -6.73 10.49
N PHE A 95 -7.41 -5.59 10.27
CA PHE A 95 -7.35 -4.88 9.00
C PHE A 95 -6.68 -5.89 8.04
N THR A 96 -7.23 -6.08 6.84
CA THR A 96 -6.61 -7.03 5.89
C THR A 96 -6.56 -6.55 4.44
N PHE A 97 -5.59 -7.09 3.70
CA PHE A 97 -5.40 -6.78 2.28
C PHE A 97 -5.75 -7.99 1.41
N GLY A 98 -6.07 -7.72 0.13
CA GLY A 98 -6.33 -8.80 -0.80
C GLY A 98 -4.94 -9.14 -1.33
N SER A 99 -4.77 -10.25 -2.03
CA SER A 99 -3.45 -10.61 -2.54
C SER A 99 -3.04 -9.85 -3.80
N GLY A 100 -3.96 -9.07 -4.35
CA GLY A 100 -3.63 -8.26 -5.52
C GLY A 100 -3.87 -8.80 -6.92
N THR A 101 -4.15 -7.88 -7.85
CA THR A 101 -4.35 -8.21 -9.24
C THR A 101 -3.29 -7.45 -10.02
N LYS A 102 -2.46 -8.17 -10.77
CA LYS A 102 -1.41 -7.52 -11.54
C LYS A 102 -1.89 -7.27 -12.96
N LEU A 103 -1.96 -5.99 -13.34
CA LEU A 103 -2.46 -5.61 -14.66
C LEU A 103 -1.38 -5.12 -15.62
N GLU A 104 -1.26 -5.81 -16.75
CA GLU A 104 -0.29 -5.47 -17.78
C GLU A 104 -0.99 -4.77 -18.94
N ILE A 105 -0.24 -3.93 -19.66
CA ILE A 105 -0.79 -3.21 -20.80
C ILE A 105 -0.28 -3.91 -22.07
N ASN A 106 -1.20 -4.27 -22.95
CA ASN A 106 -0.84 -4.92 -24.21
C ASN A 106 -0.43 -3.88 -25.22
N ARG A 107 0.41 -4.29 -26.16
CA ARG A 107 0.88 -3.41 -27.22
C ARG A 107 1.35 -4.30 -28.36
N ALA A 108 1.58 -3.71 -29.53
CA ALA A 108 2.03 -4.48 -30.69
C ALA A 108 3.39 -5.10 -30.41
N ASP A 109 3.68 -6.23 -31.07
CA ASP A 109 4.95 -6.89 -30.87
C ASP A 109 6.07 -6.07 -31.50
N THR A 110 7.20 -6.01 -30.80
CA THR A 110 8.34 -5.29 -31.31
C THR A 110 9.60 -6.08 -30.95
N ALA A 111 10.51 -6.18 -31.91
CA ALA A 111 11.74 -6.93 -31.70
C ALA A 111 12.70 -6.18 -30.79
N PRO A 112 13.54 -6.92 -30.06
CA PRO A 112 14.51 -6.32 -29.15
C PRO A 112 15.73 -5.82 -29.92
N THR A 113 16.41 -4.80 -29.38
CA THR A 113 17.61 -4.28 -29.99
C THR A 113 18.70 -4.94 -29.16
N VAL A 114 19.55 -5.73 -29.81
CA VAL A 114 20.60 -6.46 -29.11
C VAL A 114 21.99 -5.86 -29.17
N SER A 115 22.66 -5.84 -28.02
CA SER A 115 24.01 -5.30 -27.92
C SER A 115 24.85 -6.23 -27.05
N ILE A 116 26.04 -6.59 -27.53
CA ILE A 116 26.93 -7.46 -26.75
C ILE A 116 28.12 -6.65 -26.27
N PHE A 117 28.56 -6.91 -25.04
CA PHE A 117 29.67 -6.19 -24.44
C PHE A 117 30.73 -7.12 -23.91
N PRO A 118 31.97 -7.02 -24.44
CA PRO A 118 33.07 -7.85 -23.98
C PRO A 118 33.44 -7.45 -22.56
N PRO A 119 34.25 -8.28 -21.87
CA PRO A 119 34.65 -7.95 -20.50
C PRO A 119 35.41 -6.63 -20.52
N SER A 120 35.29 -5.84 -19.47
CA SER A 120 36.01 -4.57 -19.42
C SER A 120 37.47 -4.86 -19.12
N SER A 121 38.35 -3.93 -19.48
CA SER A 121 39.77 -4.10 -19.23
C SER A 121 40.05 -4.17 -17.73
N GLU A 122 39.21 -3.52 -16.95
CA GLU A 122 39.38 -3.51 -15.50
C GLU A 122 39.06 -4.86 -14.86
N GLN A 123 37.98 -5.49 -15.29
CA GLN A 123 37.62 -6.78 -14.72
C GLN A 123 38.66 -7.82 -15.07
N LEU A 124 39.17 -7.77 -16.31
CA LEU A 124 40.18 -8.73 -16.73
C LEU A 124 41.39 -8.66 -15.79
N THR A 125 41.71 -7.45 -15.33
CA THR A 125 42.83 -7.27 -14.42
C THR A 125 42.53 -8.02 -13.11
N SER A 126 41.25 -8.14 -12.78
CA SER A 126 40.82 -8.80 -11.55
C SER A 126 40.71 -10.32 -11.65
N GLY A 127 41.10 -10.89 -12.78
CA GLY A 127 41.03 -12.34 -12.94
C GLY A 127 39.63 -12.83 -13.27
N GLY A 128 38.73 -11.91 -13.59
CA GLY A 128 37.38 -12.29 -13.93
C GLY A 128 37.02 -11.82 -15.32
N ALA A 129 35.96 -12.39 -15.88
CA ALA A 129 35.50 -12.01 -17.21
C ALA A 129 34.00 -12.23 -17.35
N SER A 130 33.27 -11.14 -17.58
CA SER A 130 31.84 -11.21 -17.77
C SER A 130 31.49 -10.68 -19.15
N VAL A 131 30.66 -11.40 -19.88
CA VAL A 131 30.22 -10.96 -21.19
C VAL A 131 28.75 -10.61 -21.01
N VAL A 132 28.40 -9.38 -21.35
CA VAL A 132 27.03 -8.92 -21.19
C VAL A 132 26.31 -8.72 -22.49
N CYS A 133 25.01 -8.97 -22.46
CA CYS A 133 24.16 -8.81 -23.63
C CYS A 133 22.87 -8.13 -23.22
N PHE A 134 22.58 -6.98 -23.84
CA PHE A 134 21.34 -6.27 -23.54
C PHE A 134 20.33 -6.49 -24.65
N LEU A 135 19.12 -6.87 -24.26
CA LEU A 135 18.02 -7.09 -25.21
C LEU A 135 17.06 -5.98 -24.79
N ASN A 136 17.04 -4.89 -25.55
CA ASN A 136 16.22 -3.74 -25.18
C ASN A 136 14.90 -3.46 -25.93
N ASN A 137 13.92 -3.04 -25.14
CA ASN A 137 12.60 -2.66 -25.62
C ASN A 137 11.87 -3.62 -26.55
N PHE A 138 11.48 -4.78 -26.04
CA PHE A 138 10.76 -5.74 -26.85
C PHE A 138 9.41 -6.09 -26.22
N TYR A 139 8.56 -6.74 -27.01
CA TYR A 139 7.24 -7.17 -26.56
C TYR A 139 6.76 -8.27 -27.50
N PRO A 140 6.19 -9.35 -26.96
CA PRO A 140 5.93 -9.67 -25.55
C PRO A 140 7.17 -9.96 -24.70
N LYS A 141 6.93 -10.17 -23.41
CA LYS A 141 7.98 -10.45 -22.44
C LYS A 141 8.75 -11.75 -22.72
N ASP A 142 8.07 -12.72 -23.31
CA ASP A 142 8.69 -14.01 -23.61
C ASP A 142 9.85 -13.85 -24.60
N ILE A 143 11.03 -14.32 -24.20
CA ILE A 143 12.20 -14.24 -25.05
C ILE A 143 13.27 -15.19 -24.54
N ASN A 144 14.13 -15.66 -25.44
CA ASN A 144 15.18 -16.57 -25.06
C ASN A 144 16.54 -16.11 -25.57
N VAL A 145 17.54 -16.24 -24.71
CA VAL A 145 18.90 -15.86 -25.05
C VAL A 145 19.80 -17.07 -24.93
N LYS A 146 20.58 -17.32 -25.98
CA LYS A 146 21.50 -18.43 -26.00
C LYS A 146 22.91 -17.87 -26.16
N TRP A 147 23.84 -18.40 -25.38
CA TRP A 147 25.22 -17.95 -25.46
C TRP A 147 26.05 -19.01 -26.16
N LYS A 148 27.00 -18.57 -26.98
CA LYS A 148 27.87 -19.49 -27.70
C LYS A 148 29.33 -19.05 -27.66
N ILE A 149 30.19 -19.96 -27.26
CA ILE A 149 31.63 -19.70 -27.23
C ILE A 149 32.22 -20.64 -28.28
N ASP A 150 32.92 -20.06 -29.25
CA ASP A 150 33.49 -20.84 -30.35
C ASP A 150 32.39 -21.68 -30.99
N GLY A 151 31.21 -21.09 -31.15
CA GLY A 151 30.10 -21.79 -31.78
C GLY A 151 29.28 -22.76 -30.95
N SER A 152 29.75 -23.13 -29.77
CA SER A 152 29.01 -24.07 -28.94
C SER A 152 28.27 -23.33 -27.83
N GLU A 153 27.04 -23.77 -27.54
CA GLU A 153 26.23 -23.14 -26.50
C GLU A 153 26.78 -23.33 -25.10
N ARG A 154 26.76 -22.26 -24.31
CA ARG A 154 27.19 -22.29 -22.92
C ARG A 154 25.94 -21.90 -22.14
N GLN A 155 25.53 -22.77 -21.25
CA GLN A 155 24.33 -22.54 -20.46
C GLN A 155 24.62 -22.18 -19.00
N ASN A 156 25.77 -22.63 -18.51
CA ASN A 156 26.14 -22.37 -17.12
C ASN A 156 26.92 -21.08 -16.94
N GLY A 157 26.71 -20.43 -15.79
CA GLY A 157 27.40 -19.18 -15.52
C GLY A 157 26.64 -17.99 -16.09
N VAL A 158 25.35 -18.21 -16.37
CA VAL A 158 24.50 -17.18 -16.93
C VAL A 158 23.58 -16.56 -15.89
N LEU A 159 23.41 -15.24 -15.96
CA LEU A 159 22.56 -14.50 -15.04
C LEU A 159 21.64 -13.62 -15.87
N ASN A 160 20.34 -13.91 -15.81
CA ASN A 160 19.33 -13.14 -16.56
C ASN A 160 18.46 -12.26 -15.67
N SER A 161 18.22 -11.03 -16.11
CA SER A 161 17.40 -10.09 -15.36
C SER A 161 16.51 -9.26 -16.28
N TRP A 162 15.21 -9.29 -16.03
CA TRP A 162 14.22 -8.55 -16.81
C TRP A 162 13.75 -7.31 -16.06
N THR A 163 13.35 -6.28 -16.79
CA THR A 163 12.83 -5.08 -16.17
C THR A 163 11.32 -5.21 -16.26
N ASP A 164 10.59 -4.33 -15.58
CA ASP A 164 9.14 -4.38 -15.67
C ASP A 164 8.76 -3.52 -16.86
N GLN A 165 7.49 -3.61 -17.27
CA GLN A 165 6.98 -2.85 -18.41
C GLN A 165 7.34 -1.37 -18.31
N ASP A 166 7.96 -0.84 -19.36
CA ASP A 166 8.40 0.55 -19.40
C ASP A 166 7.26 1.56 -19.30
N SER A 167 7.50 2.63 -18.54
CA SER A 167 6.50 3.69 -18.33
C SER A 167 6.28 4.59 -19.55
N LYS A 168 7.06 4.37 -20.59
CA LYS A 168 6.96 5.17 -21.81
C LYS A 168 6.38 4.40 -23.00
N ASP A 169 7.02 3.28 -23.36
CA ASP A 169 6.55 2.49 -24.49
C ASP A 169 5.93 1.16 -24.10
N SER A 170 5.93 0.85 -22.81
CA SER A 170 5.34 -0.39 -22.31
C SER A 170 6.06 -1.66 -22.78
N THR A 171 7.34 -1.55 -23.11
CA THR A 171 8.07 -2.72 -23.54
C THR A 171 8.88 -3.28 -22.37
N TYR A 172 9.55 -4.40 -22.64
CA TYR A 172 10.38 -5.05 -21.65
C TYR A 172 11.81 -5.05 -22.15
N SER A 173 12.76 -5.10 -21.23
CA SER A 173 14.17 -5.15 -21.59
C SER A 173 14.77 -6.27 -20.75
N MET A 174 15.81 -6.91 -21.27
CA MET A 174 16.46 -7.99 -20.54
C MET A 174 17.98 -7.86 -20.60
N SER A 175 18.63 -8.26 -19.52
CA SER A 175 20.08 -8.24 -19.42
C SER A 175 20.52 -9.67 -19.15
N SER A 176 21.51 -10.14 -19.88
CA SER A 176 22.02 -11.50 -19.69
C SER A 176 23.53 -11.44 -19.59
N THR A 177 24.06 -11.91 -18.46
CA THR A 177 25.49 -11.89 -18.24
C THR A 177 26.10 -13.28 -18.14
N LEU A 178 27.14 -13.52 -18.94
CA LEU A 178 27.85 -14.79 -18.94
C LEU A 178 29.15 -14.55 -18.21
N THR A 179 29.33 -15.20 -17.06
CA THR A 179 30.56 -15.01 -16.32
C THR A 179 31.49 -16.23 -16.36
N LEU A 180 32.74 -15.97 -16.72
CA LEU A 180 33.76 -17.01 -16.82
C LEU A 180 34.99 -16.53 -16.05
N THR A 181 35.94 -17.42 -15.84
CA THR A 181 37.17 -17.05 -15.17
C THR A 181 37.97 -16.37 -16.29
N LYS A 182 38.95 -15.56 -15.92
CA LYS A 182 39.77 -14.89 -16.92
C LYS A 182 40.47 -15.93 -17.80
N ASP A 183 41.00 -16.98 -17.17
CA ASP A 183 41.69 -18.04 -17.89
C ASP A 183 40.80 -18.66 -18.96
N GLU A 184 39.53 -18.89 -18.62
CA GLU A 184 38.60 -19.48 -19.57
C GLU A 184 38.38 -18.54 -20.74
N TYR A 185 38.09 -17.28 -20.42
CA TYR A 185 37.84 -16.27 -21.43
C TYR A 185 38.98 -16.18 -22.45
N GLU A 186 40.22 -16.19 -21.97
CA GLU A 186 41.38 -16.09 -22.84
C GLU A 186 41.68 -17.32 -23.70
N ARG A 187 41.03 -18.44 -23.41
CA ARG A 187 41.30 -19.66 -24.18
C ARG A 187 40.32 -19.89 -25.32
N HIS A 188 39.50 -18.89 -25.61
CA HIS A 188 38.52 -18.98 -26.70
C HIS A 188 38.47 -17.68 -27.48
N ASN A 189 37.97 -17.73 -28.71
CA ASN A 189 37.95 -16.52 -29.49
C ASN A 189 36.60 -15.94 -29.88
N SER A 190 35.63 -16.79 -30.19
CA SER A 190 34.31 -16.29 -30.60
C SER A 190 33.27 -16.24 -29.48
N TYR A 191 32.67 -15.07 -29.29
CA TYR A 191 31.65 -14.89 -28.25
C TYR A 191 30.36 -14.38 -28.89
N THR A 192 29.29 -15.15 -28.72
CA THR A 192 28.02 -14.79 -29.35
C THR A 192 26.79 -14.82 -28.44
N CYS A 193 25.93 -13.82 -28.63
CA CYS A 193 24.68 -13.67 -27.90
C CYS A 193 23.56 -13.86 -28.94
N GLU A 194 22.74 -14.88 -28.76
CA GLU A 194 21.65 -15.16 -29.70
C GLU A 194 20.27 -14.98 -29.07
N ALA A 195 19.48 -14.05 -29.62
CA ALA A 195 18.15 -13.78 -29.09
C ALA A 195 17.02 -14.30 -29.98
N THR A 196 16.11 -15.04 -29.37
CA THR A 196 14.97 -15.59 -30.08
C THR A 196 13.70 -14.94 -29.53
N HIS A 197 12.92 -14.33 -30.42
CA HIS A 197 11.68 -13.67 -30.04
C HIS A 197 10.62 -13.99 -31.07
N LYS A 198 9.35 -14.02 -30.66
CA LYS A 198 8.27 -14.35 -31.58
C LYS A 198 8.22 -13.42 -32.79
N THR A 199 8.74 -12.21 -32.63
CA THR A 199 8.75 -11.24 -33.73
C THR A 199 9.54 -11.72 -34.93
N SER A 200 10.11 -12.93 -34.83
CA SER A 200 10.89 -13.47 -35.94
C SER A 200 11.24 -14.94 -35.74
N THR A 201 11.37 -15.66 -36.85
CA THR A 201 11.71 -17.08 -36.79
C THR A 201 13.21 -17.30 -36.64
N SER A 202 13.99 -16.38 -37.20
CA SER A 202 15.45 -16.47 -37.10
C SER A 202 15.97 -15.55 -36.01
N PRO A 203 16.87 -16.06 -35.16
CA PRO A 203 17.47 -15.33 -34.04
C PRO A 203 18.23 -14.07 -34.43
N ILE A 204 18.36 -13.16 -33.47
CA ILE A 204 19.09 -11.91 -33.65
C ILE A 204 20.46 -12.23 -33.07
N VAL A 205 21.49 -12.21 -33.92
CA VAL A 205 22.83 -12.56 -33.48
C VAL A 205 23.82 -11.40 -33.38
N LYS A 206 24.45 -11.29 -32.22
CA LYS A 206 25.47 -10.26 -31.98
C LYS A 206 26.67 -10.98 -31.39
N SER A 207 27.85 -10.72 -31.92
CA SER A 207 29.04 -11.38 -31.40
C SER A 207 30.31 -10.62 -31.69
N PHE A 208 31.43 -11.18 -31.24
CA PHE A 208 32.74 -10.56 -31.45
C PHE A 208 33.80 -11.61 -31.19
N ASN A 209 35.01 -11.36 -31.67
CA ASN A 209 36.15 -12.24 -31.47
C ASN A 209 37.06 -11.46 -30.54
N ARG A 210 37.47 -12.06 -29.43
CA ARG A 210 38.31 -11.33 -28.49
C ARG A 210 39.61 -10.80 -29.08
N ASN A 211 39.93 -9.57 -28.69
CA ASN A 211 41.14 -8.88 -29.11
C ASN A 211 41.18 -8.42 -30.57
N GLU A 212 40.08 -8.53 -31.30
CA GLU A 212 40.09 -8.09 -32.69
C GLU A 212 39.34 -6.79 -32.90
N CYS A 213 39.89 -5.93 -33.75
CA CYS A 213 39.26 -4.65 -34.06
C CYS A 213 39.66 -4.23 -35.47
N GLN B 1 0.61 18.23 1.34
CA GLN B 1 1.93 18.57 1.93
C GLN B 1 2.27 17.59 3.04
N VAL B 2 1.48 16.52 3.15
CA VAL B 2 1.71 15.48 4.14
C VAL B 2 2.92 14.68 3.69
N GLN B 3 3.89 14.48 4.58
CA GLN B 3 5.06 13.71 4.20
C GLN B 3 5.48 12.74 5.30
N LEU B 4 5.88 11.54 4.88
CA LEU B 4 6.32 10.50 5.81
C LEU B 4 7.70 10.05 5.33
N GLN B 5 8.73 10.49 6.04
CA GLN B 5 10.11 10.17 5.70
C GLN B 5 10.63 9.01 6.53
N GLN B 6 10.82 7.86 5.90
CA GLN B 6 11.32 6.68 6.59
C GLN B 6 12.84 6.62 6.59
N SER B 7 13.40 5.91 7.57
CA SER B 7 14.84 5.76 7.71
C SER B 7 15.42 4.88 6.60
N GLY B 8 16.75 4.89 6.48
CA GLY B 8 17.42 4.13 5.43
C GLY B 8 17.44 2.62 5.55
N ALA B 9 17.80 1.97 4.45
CA ALA B 9 17.87 0.51 4.38
C ALA B 9 18.71 -0.03 5.53
N GLU B 10 18.43 -1.26 5.94
CA GLU B 10 19.15 -1.85 7.05
C GLU B 10 19.49 -3.31 6.87
N LEU B 11 20.64 -3.68 7.42
CA LEU B 11 21.14 -5.04 7.38
C LEU B 11 21.30 -5.44 8.84
N ALA B 12 20.69 -6.56 9.23
CA ALA B 12 20.80 -7.02 10.60
C ALA B 12 20.99 -8.53 10.55
N ARG B 13 21.64 -9.08 11.57
CA ARG B 13 21.88 -10.51 11.60
C ARG B 13 20.75 -11.25 12.31
N PRO B 14 20.51 -12.51 11.94
CA PRO B 14 19.45 -13.32 12.55
C PRO B 14 19.56 -13.27 14.07
N GLY B 15 18.43 -13.21 14.76
CA GLY B 15 18.46 -13.17 16.21
C GLY B 15 18.58 -11.78 16.80
N ALA B 16 19.03 -10.82 15.99
CA ALA B 16 19.18 -9.45 16.46
C ALA B 16 17.84 -8.72 16.43
N SER B 17 17.92 -7.40 16.56
CA SER B 17 16.74 -6.55 16.56
C SER B 17 17.06 -5.30 15.79
N VAL B 18 16.04 -4.63 15.27
CA VAL B 18 16.23 -3.39 14.53
C VAL B 18 15.10 -2.42 14.82
N LYS B 19 15.42 -1.13 14.76
CA LYS B 19 14.42 -0.11 15.02
C LYS B 19 14.49 0.88 13.87
N MET B 20 13.38 1.02 13.15
CA MET B 20 13.32 1.94 12.03
C MET B 20 12.36 3.08 12.37
N SER B 21 12.50 4.19 11.66
CA SER B 21 11.68 5.37 11.92
C SER B 21 10.88 5.89 10.74
N CYS B 22 9.98 6.81 11.05
CA CYS B 22 9.09 7.43 10.07
C CYS B 22 8.78 8.83 10.60
N LYS B 23 9.38 9.85 9.99
CA LYS B 23 9.18 11.22 10.43
C LYS B 23 8.06 11.89 9.65
N ALA B 24 7.00 12.28 10.35
CA ALA B 24 5.84 12.92 9.73
C ALA B 24 5.85 14.45 9.77
N SER B 25 5.17 15.05 8.79
CA SER B 25 5.06 16.50 8.70
C SER B 25 3.87 16.81 7.78
N GLY B 26 3.35 18.04 7.89
CA GLY B 26 2.23 18.42 7.04
C GLY B 26 0.85 18.17 7.62
N TYR B 27 0.79 17.67 8.86
CA TYR B 27 -0.50 17.42 9.49
C TYR B 27 -0.31 17.30 11.00
N THR B 28 -1.42 17.33 11.74
CA THR B 28 -1.35 17.19 13.18
C THR B 28 -1.00 15.75 13.51
N PHE B 29 0.26 15.52 13.90
CA PHE B 29 0.78 14.20 14.21
C PHE B 29 -0.04 13.34 15.17
N THR B 30 -0.51 13.93 16.26
CA THR B 30 -1.27 13.19 17.26
C THR B 30 -2.72 12.90 16.90
N ARG B 31 -3.21 13.54 15.85
CA ARG B 31 -4.59 13.36 15.43
C ARG B 31 -4.92 12.11 14.61
N TYR B 32 -3.90 11.45 14.07
CA TYR B 32 -4.14 10.26 13.26
C TYR B 32 -3.24 9.08 13.59
N THR B 33 -3.81 7.88 13.52
CA THR B 33 -3.05 6.68 13.79
C THR B 33 -2.04 6.41 12.69
N MET B 34 -0.95 5.77 13.04
CA MET B 34 0.10 5.43 12.10
C MET B 34 0.17 3.92 11.98
N HIS B 35 0.12 3.42 10.75
CA HIS B 35 0.15 1.99 10.49
C HIS B 35 1.42 1.52 9.83
N TRP B 36 1.71 0.24 10.01
CA TRP B 36 2.90 -0.36 9.40
C TRP B 36 2.49 -1.55 8.56
N VAL B 37 3.09 -1.64 7.39
CA VAL B 37 2.79 -2.68 6.43
C VAL B 37 4.08 -3.37 5.98
N LYS B 38 4.01 -4.67 5.81
CA LYS B 38 5.16 -5.47 5.40
C LYS B 38 4.95 -6.03 4.00
N GLN B 39 6.00 -6.00 3.18
CA GLN B 39 5.92 -6.53 1.83
C GLN B 39 7.21 -7.28 1.48
N ARG B 40 7.13 -8.60 1.49
CA ARG B 40 8.27 -9.44 1.16
C ARG B 40 8.54 -9.37 -0.33
N PRO B 41 9.80 -9.62 -0.75
CA PRO B 41 10.17 -9.57 -2.16
C PRO B 41 9.20 -10.33 -3.07
N GLY B 42 8.69 -9.63 -4.09
CA GLY B 42 7.75 -10.24 -5.01
C GLY B 42 6.44 -10.71 -4.40
N GLN B 43 6.20 -10.33 -3.14
CA GLN B 43 4.99 -10.72 -2.43
C GLN B 43 3.97 -9.58 -2.35
N GLY B 44 2.88 -9.82 -1.62
CA GLY B 44 1.84 -8.82 -1.45
C GLY B 44 2.02 -7.98 -0.20
N LEU B 45 0.98 -7.26 0.20
CA LEU B 45 1.05 -6.41 1.39
C LEU B 45 0.47 -7.14 2.59
N GLU B 46 1.06 -6.90 3.75
CA GLU B 46 0.63 -7.52 4.99
C GLU B 46 0.57 -6.44 6.07
N TRP B 47 -0.54 -6.42 6.81
CA TRP B 47 -0.75 -5.43 7.87
C TRP B 47 -0.12 -5.89 9.19
N ILE B 48 0.74 -5.04 9.76
CA ILE B 48 1.44 -5.36 11.00
C ILE B 48 0.63 -4.89 12.20
N GLY B 49 0.20 -3.63 12.16
CA GLY B 49 -0.57 -3.08 13.25
C GLY B 49 -0.54 -1.56 13.18
N TYR B 50 -0.96 -0.91 14.26
CA TYR B 50 -0.96 0.54 14.28
C TYR B 50 -0.82 1.09 15.68
N ILE B 51 -0.54 2.39 15.75
CA ILE B 51 -0.41 3.07 17.02
C ILE B 51 -1.10 4.41 16.95
N ASN B 52 -1.73 4.79 18.07
CA ASN B 52 -2.42 6.07 18.18
C ASN B 52 -1.44 6.97 18.94
N PRO B 53 -0.82 7.92 18.24
CA PRO B 53 0.16 8.84 18.84
C PRO B 53 -0.35 9.64 20.04
N SER B 54 -1.66 9.72 20.21
CA SER B 54 -2.25 10.48 21.30
C SER B 54 -1.78 10.01 22.68
N ARG B 55 -2.09 8.76 23.01
CA ARG B 55 -1.70 8.20 24.30
C ARG B 55 -0.91 6.89 24.18
N GLY B 56 -0.54 6.53 22.96
CA GLY B 56 0.24 5.33 22.75
C GLY B 56 -0.54 4.03 22.57
N TYR B 57 -1.84 4.12 22.36
CA TYR B 57 -2.63 2.92 22.16
C TYR B 57 -2.14 2.17 20.91
N THR B 58 -1.98 0.85 21.02
CA THR B 58 -1.53 0.05 19.90
C THR B 58 -2.37 -1.22 19.74
N ASN B 59 -2.41 -1.73 18.50
CA ASN B 59 -3.12 -2.96 18.17
C ASN B 59 -2.26 -3.63 17.11
N TYR B 60 -2.23 -4.95 17.13
CA TYR B 60 -1.40 -5.70 16.20
C TYR B 60 -2.13 -6.83 15.52
N ASN B 61 -1.62 -7.21 14.35
CA ASN B 61 -2.09 -8.34 13.59
C ASN B 61 -1.52 -9.44 14.50
N GLN B 62 -2.32 -10.44 14.84
CA GLN B 62 -1.89 -11.52 15.71
C GLN B 62 -0.53 -12.12 15.33
N LYS B 63 -0.28 -12.21 14.02
CA LYS B 63 0.95 -12.78 13.52
C LYS B 63 2.21 -11.97 13.87
N PHE B 64 2.04 -10.70 14.20
CA PHE B 64 3.18 -9.85 14.52
C PHE B 64 3.31 -9.45 15.99
N LYS B 65 2.41 -9.99 16.80
CA LYS B 65 2.42 -9.73 18.23
C LYS B 65 3.77 -10.17 18.81
N ASP B 66 4.40 -9.29 19.60
CA ASP B 66 5.70 -9.58 20.21
C ASP B 66 6.87 -9.55 19.22
N LYS B 67 6.58 -9.53 17.92
CA LYS B 67 7.63 -9.45 16.90
C LYS B 67 7.87 -7.97 16.60
N ALA B 68 6.77 -7.24 16.46
CA ALA B 68 6.85 -5.81 16.17
C ALA B 68 6.37 -5.00 17.38
N THR B 69 7.02 -3.88 17.63
CA THR B 69 6.64 -3.00 18.75
C THR B 69 6.60 -1.59 18.23
N LEU B 70 5.43 -0.97 18.28
CA LEU B 70 5.27 0.40 17.79
C LEU B 70 5.31 1.43 18.91
N THR B 71 5.98 2.54 18.63
CA THR B 71 6.09 3.64 19.59
C THR B 71 6.14 4.92 18.78
N THR B 72 5.92 6.05 19.42
CA THR B 72 6.00 7.34 18.73
C THR B 72 6.66 8.33 19.67
N ASP B 73 7.10 9.46 19.12
CA ASP B 73 7.72 10.53 19.88
C ASP B 73 7.06 11.81 19.41
N LYS B 74 6.07 12.28 20.17
CA LYS B 74 5.32 13.48 19.83
C LYS B 74 6.20 14.69 19.50
N SER B 75 7.12 15.02 20.40
CA SER B 75 8.00 16.18 20.20
C SER B 75 8.74 16.18 18.86
N SER B 76 8.97 15.00 18.28
CA SER B 76 9.67 14.95 17.00
C SER B 76 8.79 14.46 15.87
N SER B 77 7.52 14.22 16.19
CA SER B 77 6.56 13.74 15.19
C SER B 77 7.11 12.54 14.45
N THR B 78 7.67 11.58 15.18
CA THR B 78 8.22 10.39 14.54
C THR B 78 7.67 9.12 15.14
N ALA B 79 7.31 8.18 14.28
CA ALA B 79 6.79 6.89 14.72
C ALA B 79 7.94 5.90 14.54
N TYR B 80 7.99 4.90 15.40
CA TYR B 80 9.06 3.91 15.33
C TYR B 80 8.50 2.49 15.36
N MET B 81 9.21 1.58 14.73
CA MET B 81 8.83 0.19 14.75
C MET B 81 10.07 -0.64 14.99
N GLN B 82 10.03 -1.42 16.05
CA GLN B 82 11.14 -2.27 16.42
C GLN B 82 10.74 -3.71 16.09
N LEU B 83 11.63 -4.42 15.42
CA LEU B 83 11.39 -5.82 15.06
C LEU B 83 12.44 -6.65 15.79
N SER B 84 12.00 -7.61 16.60
CA SER B 84 12.92 -8.44 17.37
C SER B 84 13.03 -9.89 16.90
N SER B 85 13.99 -10.61 17.47
CA SER B 85 14.23 -12.02 17.15
C SER B 85 14.20 -12.25 15.65
N LEU B 86 14.91 -11.41 14.92
CA LEU B 86 14.94 -11.47 13.46
C LEU B 86 15.36 -12.79 12.83
N THR B 87 14.72 -13.10 11.70
CA THR B 87 15.02 -14.30 10.93
C THR B 87 14.94 -13.85 9.47
N SER B 88 15.24 -14.75 8.54
CA SER B 88 15.18 -14.40 7.13
C SER B 88 13.74 -14.11 6.68
N GLU B 89 12.76 -14.54 7.48
CA GLU B 89 11.36 -14.30 7.15
C GLU B 89 10.98 -12.83 7.32
N ASP B 90 11.81 -12.10 8.05
CA ASP B 90 11.55 -10.69 8.31
C ASP B 90 12.18 -9.78 7.25
N SER B 91 13.00 -10.35 6.37
CA SER B 91 13.59 -9.54 5.31
C SER B 91 12.46 -9.10 4.41
N ALA B 92 12.33 -7.78 4.24
CA ALA B 92 11.27 -7.24 3.41
C ALA B 92 11.31 -5.74 3.45
N VAL B 93 10.36 -5.12 2.74
CA VAL B 93 10.25 -3.67 2.73
C VAL B 93 9.15 -3.33 3.72
N TYR B 94 9.40 -2.36 4.59
CA TYR B 94 8.41 -1.96 5.57
C TYR B 94 7.97 -0.53 5.34
N TYR B 95 6.65 -0.34 5.25
CA TYR B 95 6.08 0.98 5.04
C TYR B 95 5.35 1.47 6.28
N CYS B 96 5.34 2.78 6.44
CA CYS B 96 4.60 3.40 7.52
C CYS B 96 3.57 4.21 6.76
N ALA B 97 2.37 4.31 7.30
CA ALA B 97 1.33 5.05 6.60
C ALA B 97 0.28 5.63 7.55
N ARG B 98 -0.19 6.82 7.20
CA ARG B 98 -1.20 7.50 7.99
C ARG B 98 -2.59 6.97 7.66
N TYR B 99 -3.38 6.67 8.69
CA TYR B 99 -4.75 6.24 8.49
C TYR B 99 -5.62 7.48 8.68
N TYR B 100 -6.36 7.86 7.64
CA TYR B 100 -7.23 9.04 7.67
C TYR B 100 -8.67 8.54 7.84
N ASP B 101 -9.15 8.58 9.08
CA ASP B 101 -10.48 8.07 9.44
C ASP B 101 -11.65 8.48 8.55
N ASP B 102 -11.74 9.76 8.18
CA ASP B 102 -12.84 10.21 7.33
C ASP B 102 -12.88 9.49 5.97
N HIS B 103 -11.73 8.99 5.52
CA HIS B 103 -11.69 8.30 4.23
C HIS B 103 -11.49 6.80 4.39
N TYR B 104 -11.53 6.34 5.64
CA TYR B 104 -11.37 4.93 5.97
C TYR B 104 -10.19 4.23 5.27
N CYS B 105 -9.11 4.96 5.01
CA CYS B 105 -7.98 4.35 4.33
C CYS B 105 -6.62 4.91 4.74
N LEU B 106 -5.55 4.30 4.23
CA LEU B 106 -4.20 4.74 4.49
C LEU B 106 -3.94 5.68 3.32
N ASP B 107 -4.14 6.98 3.53
CA ASP B 107 -3.99 7.95 2.46
C ASP B 107 -2.59 8.38 2.06
N TYR B 108 -1.64 8.37 2.99
CA TYR B 108 -0.27 8.77 2.70
C TYR B 108 0.70 7.70 3.20
N TRP B 109 1.68 7.34 2.37
CA TRP B 109 2.65 6.29 2.69
C TRP B 109 4.09 6.76 2.68
N GLY B 110 4.92 6.18 3.55
CA GLY B 110 6.33 6.54 3.57
C GLY B 110 6.95 5.91 2.35
N GLN B 111 8.22 6.21 2.05
CA GLN B 111 8.87 5.63 0.87
C GLN B 111 9.29 4.18 1.10
N GLY B 112 9.18 3.73 2.36
CA GLY B 112 9.52 2.36 2.70
C GLY B 112 10.97 2.18 3.13
N THR B 113 11.19 1.20 4.00
CA THR B 113 12.53 0.85 4.52
C THR B 113 12.77 -0.63 4.22
N THR B 114 13.86 -0.94 3.54
CA THR B 114 14.17 -2.33 3.23
C THR B 114 15.02 -2.92 4.33
N LEU B 115 14.62 -4.10 4.79
CA LEU B 115 15.35 -4.79 5.83
C LEU B 115 15.92 -6.10 5.30
N THR B 116 17.23 -6.26 5.43
CA THR B 116 17.87 -7.50 5.02
C THR B 116 18.39 -8.19 6.28
N VAL B 117 17.92 -9.42 6.51
CA VAL B 117 18.35 -10.19 7.66
C VAL B 117 19.26 -11.29 7.14
N SER B 118 20.56 -11.17 7.45
CA SER B 118 21.54 -12.14 6.99
C SER B 118 22.82 -12.08 7.81
N SER B 119 23.55 -13.20 7.82
CA SER B 119 24.82 -13.30 8.54
C SER B 119 25.98 -12.95 7.62
N ALA B 120 25.69 -12.82 6.34
CA ALA B 120 26.74 -12.52 5.36
C ALA B 120 27.37 -11.15 5.60
N LYS B 121 28.67 -11.06 5.33
CA LYS B 121 29.39 -9.81 5.53
C LYS B 121 29.00 -8.83 4.44
N THR B 122 29.36 -7.57 4.65
CA THR B 122 29.09 -6.51 3.70
C THR B 122 30.23 -6.59 2.69
N THR B 123 29.91 -6.57 1.40
CA THR B 123 30.92 -6.64 0.36
C THR B 123 30.76 -5.49 -0.62
N ALA B 124 31.83 -4.71 -0.82
CA ALA B 124 31.80 -3.59 -1.74
C ALA B 124 31.70 -4.10 -3.18
N PRO B 125 30.91 -3.42 -4.02
CA PRO B 125 30.74 -3.81 -5.42
C PRO B 125 31.88 -3.40 -6.34
N SER B 126 32.04 -4.17 -7.42
CA SER B 126 33.03 -3.86 -8.43
C SER B 126 32.18 -3.20 -9.53
N VAL B 127 32.63 -2.08 -10.05
CA VAL B 127 31.89 -1.36 -11.09
C VAL B 127 32.72 -1.33 -12.37
N TYR B 128 32.18 -1.91 -13.44
CA TYR B 128 32.90 -1.97 -14.71
C TYR B 128 32.18 -1.25 -15.85
N PRO B 129 32.91 -0.41 -16.60
CA PRO B 129 32.28 0.29 -17.72
C PRO B 129 32.05 -0.66 -18.88
N LEU B 130 30.92 -0.52 -19.57
CA LEU B 130 30.61 -1.37 -20.71
C LEU B 130 30.52 -0.53 -21.98
N ALA B 131 31.62 -0.49 -22.74
CA ALA B 131 31.68 0.25 -23.98
C ALA B 131 31.39 -0.72 -25.12
N PRO B 132 30.76 -0.24 -26.21
CA PRO B 132 30.46 -1.13 -27.33
C PRO B 132 31.67 -1.88 -27.90
N VAL B 133 31.39 -2.93 -28.66
CA VAL B 133 32.44 -3.73 -29.29
C VAL B 133 33.30 -2.84 -30.18
N CYS B 134 34.62 -3.04 -30.10
CA CYS B 134 35.58 -2.26 -30.85
C CYS B 134 35.29 -2.27 -32.36
N GLY B 135 35.09 -1.08 -32.92
CA GLY B 135 34.80 -0.97 -34.34
C GLY B 135 34.35 0.43 -34.68
N GLY B 136 33.95 0.65 -35.94
CA GLY B 136 33.50 1.97 -36.33
C GLY B 136 32.25 2.03 -37.20
N THR B 137 31.13 1.55 -36.68
CA THR B 137 29.88 1.58 -37.43
C THR B 137 29.35 3.01 -37.44
N THR B 138 28.46 3.30 -38.38
CA THR B 138 27.90 4.64 -38.50
C THR B 138 26.44 4.72 -38.04
N GLY B 139 26.08 3.89 -37.06
CA GLY B 139 24.72 3.90 -36.54
C GLY B 139 24.37 5.27 -36.00
N SER B 140 23.07 5.61 -36.02
CA SER B 140 22.63 6.91 -35.55
C SER B 140 22.62 7.05 -34.02
N SER B 141 22.70 5.92 -33.33
CA SER B 141 22.71 5.95 -31.87
C SER B 141 23.55 4.79 -31.32
N VAL B 142 23.96 4.91 -30.07
CA VAL B 142 24.78 3.87 -29.44
C VAL B 142 24.26 3.49 -28.06
N THR B 143 24.56 2.26 -27.65
CA THR B 143 24.14 1.75 -26.35
C THR B 143 25.36 1.43 -25.50
N LEU B 144 25.43 2.06 -24.33
CA LEU B 144 26.53 1.86 -23.41
C LEU B 144 25.95 1.15 -22.18
N GLY B 145 26.83 0.59 -21.36
CA GLY B 145 26.35 -0.10 -20.17
C GLY B 145 27.26 0.06 -18.97
N CYS B 146 26.80 -0.45 -17.83
CA CYS B 146 27.55 -0.38 -16.59
C CYS B 146 27.22 -1.66 -15.80
N LEU B 147 28.26 -2.36 -15.36
CA LEU B 147 28.09 -3.61 -14.62
C LEU B 147 28.53 -3.46 -13.16
N VAL B 148 27.59 -3.67 -12.24
CA VAL B 148 27.87 -3.57 -10.80
C VAL B 148 27.78 -4.99 -10.26
N LYS B 149 28.93 -5.61 -10.03
CA LYS B 149 28.94 -7.00 -9.59
C LYS B 149 29.56 -7.33 -8.24
N GLY B 150 29.08 -8.42 -7.65
CA GLY B 150 29.59 -8.90 -6.39
C GLY B 150 29.48 -7.99 -5.18
N TYR B 151 28.26 -7.64 -4.81
CA TYR B 151 28.09 -6.77 -3.65
C TYR B 151 26.99 -7.32 -2.76
N PHE B 152 27.03 -6.87 -1.51
CA PHE B 152 26.04 -7.27 -0.51
C PHE B 152 26.16 -6.28 0.64
N PRO B 153 25.02 -5.82 1.16
CA PRO B 153 23.70 -6.23 0.72
C PRO B 153 23.11 -5.16 -0.21
N GLU B 154 21.84 -5.29 -0.54
CA GLU B 154 21.17 -4.28 -1.35
C GLU B 154 21.02 -3.10 -0.39
N PRO B 155 20.85 -1.88 -0.91
CA PRO B 155 20.80 -1.59 -2.34
C PRO B 155 22.00 -0.78 -2.80
N VAL B 156 21.95 -0.42 -4.07
CA VAL B 156 22.97 0.42 -4.68
C VAL B 156 22.17 1.46 -5.44
N THR B 157 22.79 2.60 -5.73
CA THR B 157 22.11 3.64 -6.49
C THR B 157 22.97 3.88 -7.71
N LEU B 158 22.36 3.79 -8.88
CA LEU B 158 23.08 3.99 -10.12
C LEU B 158 22.43 5.08 -10.96
N THR B 159 23.23 6.01 -11.44
CA THR B 159 22.74 7.09 -12.29
C THR B 159 23.76 7.39 -13.38
N TRP B 160 23.35 8.17 -14.37
CA TRP B 160 24.25 8.53 -15.46
C TRP B 160 24.45 10.03 -15.50
N ASN B 161 25.70 10.46 -15.62
CA ASN B 161 26.02 11.88 -15.65
C ASN B 161 25.29 12.58 -14.52
N SER B 162 25.43 12.03 -13.31
CA SER B 162 24.79 12.57 -12.11
C SER B 162 23.28 12.69 -12.18
N GLY B 163 22.65 11.86 -13.00
CA GLY B 163 21.20 11.89 -13.10
C GLY B 163 20.63 12.77 -14.20
N SER B 164 21.47 13.59 -14.82
CA SER B 164 21.00 14.47 -15.89
C SER B 164 20.47 13.62 -17.04
N LEU B 165 21.18 12.54 -17.34
CA LEU B 165 20.80 11.62 -18.42
C LEU B 165 19.84 10.59 -17.83
N SER B 166 18.55 10.73 -18.12
CA SER B 166 17.56 9.81 -17.58
C SER B 166 16.81 9.00 -18.64
N SER B 167 16.41 9.65 -19.73
CA SER B 167 15.68 8.95 -20.78
C SER B 167 16.62 8.01 -21.54
N GLY B 168 16.07 6.90 -22.02
CA GLY B 168 16.88 5.94 -22.74
C GLY B 168 17.70 5.10 -21.79
N VAL B 169 17.31 5.12 -20.51
CA VAL B 169 18.02 4.36 -19.49
C VAL B 169 17.23 3.17 -18.96
N HIS B 170 17.91 2.03 -18.81
CA HIS B 170 17.28 0.82 -18.28
C HIS B 170 18.23 0.22 -17.24
N THR B 171 17.77 0.17 -16.00
CA THR B 171 18.58 -0.41 -14.92
C THR B 171 17.87 -1.69 -14.54
N PHE B 172 18.54 -2.81 -14.75
CA PHE B 172 17.95 -4.10 -14.45
C PHE B 172 18.02 -4.48 -12.98
N PRO B 173 16.96 -5.09 -12.46
CA PRO B 173 16.89 -5.50 -11.05
C PRO B 173 18.07 -6.40 -10.73
N ALA B 174 18.65 -6.23 -9.54
CA ALA B 174 19.78 -7.04 -9.13
C ALA B 174 19.36 -8.50 -8.99
N VAL B 175 20.31 -9.41 -9.17
CA VAL B 175 20.01 -10.83 -9.03
C VAL B 175 20.99 -11.40 -8.02
N LEU B 176 20.52 -12.33 -7.19
CA LEU B 176 21.35 -12.93 -6.17
C LEU B 176 21.87 -14.31 -6.54
N GLN B 177 23.19 -14.44 -6.54
CA GLN B 177 23.85 -15.71 -6.82
C GLN B 177 25.01 -15.73 -5.84
N SER B 178 24.81 -16.44 -4.72
CA SER B 178 25.76 -16.53 -3.62
C SER B 178 25.41 -15.32 -2.75
N ASP B 179 26.19 -15.06 -1.71
CA ASP B 179 25.91 -13.89 -0.87
C ASP B 179 26.31 -12.64 -1.64
N LEU B 180 26.24 -12.70 -2.97
CA LEU B 180 26.62 -11.55 -3.79
C LEU B 180 25.58 -11.17 -4.84
N TYR B 181 25.35 -9.87 -4.96
CA TYR B 181 24.41 -9.33 -5.91
C TYR B 181 25.15 -8.79 -7.13
N THR B 182 24.48 -8.81 -8.27
CA THR B 182 25.02 -8.30 -9.51
C THR B 182 23.89 -7.56 -10.21
N LEU B 183 24.21 -6.39 -10.75
CA LEU B 183 23.20 -5.59 -11.43
C LEU B 183 23.82 -4.87 -12.61
N SER B 184 23.02 -4.58 -13.63
CA SER B 184 23.53 -3.88 -14.80
C SER B 184 22.58 -2.78 -15.21
N SER B 185 23.08 -1.86 -16.03
CA SER B 185 22.27 -0.74 -16.51
C SER B 185 22.71 -0.33 -17.91
N SER B 186 21.75 -0.03 -18.77
CA SER B 186 22.08 0.37 -20.13
C SER B 186 21.53 1.75 -20.42
N VAL B 187 22.23 2.50 -21.25
CA VAL B 187 21.79 3.83 -21.64
C VAL B 187 22.04 3.97 -23.13
N THR B 188 21.03 4.47 -23.84
CA THR B 188 21.13 4.66 -25.28
C THR B 188 21.05 6.15 -25.62
N VAL B 189 22.03 6.62 -26.40
CA VAL B 189 22.09 8.03 -26.81
C VAL B 189 22.45 8.11 -28.29
N THR B 190 22.37 9.31 -28.85
CA THR B 190 22.71 9.50 -30.27
C THR B 190 24.21 9.33 -30.45
N SER B 191 24.61 8.91 -31.64
CA SER B 191 26.01 8.70 -31.95
C SER B 191 26.83 9.99 -31.85
N SER B 192 26.15 11.12 -31.98
CA SER B 192 26.83 12.42 -31.91
C SER B 192 27.07 12.86 -30.48
N THR B 193 26.43 12.20 -29.53
CA THR B 193 26.57 12.55 -28.12
C THR B 193 27.77 11.86 -27.48
N TRP B 194 28.11 10.67 -27.97
CA TRP B 194 29.22 9.90 -27.43
C TRP B 194 29.97 9.27 -28.59
N PRO B 195 31.32 9.24 -28.54
CA PRO B 195 32.25 9.74 -27.51
C PRO B 195 32.43 11.25 -27.38
N SER B 196 31.73 12.03 -28.20
CA SER B 196 31.86 13.48 -28.15
C SER B 196 31.76 13.99 -26.72
N GLN B 197 30.59 13.83 -26.11
CA GLN B 197 30.41 14.25 -24.73
C GLN B 197 30.76 13.06 -23.85
N SER B 198 31.02 13.31 -22.58
CA SER B 198 31.37 12.23 -21.66
C SER B 198 30.11 11.63 -21.04
N ILE B 199 30.13 10.31 -20.89
CA ILE B 199 29.02 9.59 -20.28
C ILE B 199 29.64 8.83 -19.11
N THR B 200 29.21 9.17 -17.90
CA THR B 200 29.75 8.53 -16.71
C THR B 200 28.69 7.80 -15.91
N CYS B 201 29.08 6.64 -15.39
CA CYS B 201 28.20 5.81 -14.59
C CYS B 201 28.48 6.06 -13.11
N ASN B 202 27.51 6.64 -12.40
CA ASN B 202 27.70 6.93 -10.98
C ASN B 202 27.06 5.85 -10.13
N VAL B 203 27.90 5.11 -9.40
CA VAL B 203 27.43 4.02 -8.55
C VAL B 203 27.72 4.28 -7.08
N ALA B 204 26.75 3.97 -6.23
CA ALA B 204 26.93 4.18 -4.80
C ALA B 204 26.40 2.98 -3.99
N HIS B 205 27.17 2.60 -2.98
CA HIS B 205 26.80 1.50 -2.09
C HIS B 205 27.18 1.97 -0.69
N PRO B 206 26.28 2.75 -0.06
CA PRO B 206 26.50 3.27 1.29
C PRO B 206 26.89 2.22 2.33
N ALA B 207 26.23 1.07 2.29
CA ALA B 207 26.54 0.00 3.24
C ALA B 207 28.04 -0.26 3.35
N SER B 208 28.77 0.08 2.29
CA SER B 208 30.21 -0.11 2.29
C SER B 208 30.88 1.23 1.98
N SER B 209 30.11 2.30 2.14
CA SER B 209 30.60 3.66 1.91
C SER B 209 31.39 3.79 0.62
N THR B 210 30.96 3.09 -0.43
CA THR B 210 31.65 3.16 -1.70
C THR B 210 30.92 4.09 -2.66
N LYS B 211 31.68 4.97 -3.30
CA LYS B 211 31.14 5.91 -4.27
C LYS B 211 32.07 5.87 -5.46
N VAL B 212 31.60 5.30 -6.56
CA VAL B 212 32.41 5.20 -7.76
C VAL B 212 31.76 5.83 -8.98
N ASP B 213 32.57 6.49 -9.79
CA ASP B 213 32.10 7.12 -11.01
C ASP B 213 32.93 6.51 -12.14
N LYS B 214 32.25 5.72 -12.99
CA LYS B 214 32.95 5.06 -14.08
C LYS B 214 32.61 5.69 -15.43
N LYS B 215 33.60 6.37 -16.01
CA LYS B 215 33.41 7.01 -17.31
C LYS B 215 33.57 5.94 -18.37
N ILE B 216 32.66 5.93 -19.35
CA ILE B 216 32.71 4.95 -20.41
C ILE B 216 33.62 5.47 -21.53
N GLU B 217 34.71 4.76 -21.76
CA GLU B 217 35.68 5.13 -22.79
C GLU B 217 35.62 4.12 -23.93
N PRO B 218 35.75 4.59 -25.17
CA PRO B 218 35.70 3.63 -26.29
C PRO B 218 36.85 2.63 -26.18
N ARG B 219 36.57 1.37 -26.47
CA ARG B 219 37.58 0.31 -26.40
C ARG B 219 38.76 0.56 -27.31
N MET C 1 -26.20 10.46 13.68
CA MET C 1 -27.25 10.94 14.57
C MET C 1 -28.33 11.61 13.74
N GLN C 2 -27.92 12.60 12.96
CA GLN C 2 -28.85 13.34 12.11
C GLN C 2 -29.30 12.49 10.92
N SER C 3 -28.43 11.59 10.47
CA SER C 3 -28.72 10.72 9.33
C SER C 3 -29.43 9.42 9.71
N ILE C 4 -30.21 8.90 8.77
CA ILE C 4 -30.94 7.65 8.99
C ILE C 4 -30.27 6.46 8.31
N LYS C 5 -29.24 6.71 7.51
CA LYS C 5 -28.58 5.61 6.82
C LYS C 5 -28.02 4.59 7.81
N GLY C 6 -28.01 3.33 7.41
CA GLY C 6 -27.54 2.29 8.29
C GLY C 6 -28.73 1.73 9.06
N ASN C 7 -29.93 2.10 8.60
CA ASN C 7 -31.20 1.66 9.18
C ASN C 7 -31.52 2.30 10.54
N HIS C 8 -30.97 3.49 10.79
CA HIS C 8 -31.25 4.19 12.04
C HIS C 8 -32.41 5.14 11.73
N LEU C 9 -33.58 4.55 11.53
CA LEU C 9 -34.79 5.28 11.17
C LEU C 9 -35.50 6.05 12.27
N VAL C 10 -35.29 5.67 13.53
CA VAL C 10 -35.95 6.35 14.64
C VAL C 10 -35.17 7.55 15.17
N LYS C 11 -35.83 8.71 15.21
CA LYS C 11 -35.21 9.92 15.70
C LYS C 11 -36.10 10.63 16.72
N VAL C 12 -35.50 11.46 17.56
CA VAL C 12 -36.26 12.21 18.55
C VAL C 12 -36.61 13.54 17.92
N TYR C 13 -37.88 13.94 18.03
CA TYR C 13 -38.35 15.20 17.46
C TYR C 13 -37.88 16.34 18.35
N ASP C 14 -36.90 17.11 17.88
CA ASP C 14 -36.35 18.23 18.63
C ASP C 14 -37.04 19.56 18.30
N TYR C 15 -38.29 19.71 18.74
CA TYR C 15 -39.03 20.94 18.49
C TYR C 15 -40.37 20.94 19.22
N GLN C 16 -40.35 20.64 20.51
CA GLN C 16 -41.58 20.61 21.30
C GLN C 16 -41.79 21.86 22.16
N GLU C 17 -43.03 22.33 22.20
CA GLU C 17 -43.40 23.49 22.98
C GLU C 17 -43.58 23.07 24.43
N ASP C 18 -44.10 21.86 24.62
CA ASP C 18 -44.30 21.30 25.96
C ASP C 18 -43.25 20.22 26.15
N GLY C 19 -42.92 19.93 27.41
CA GLY C 19 -41.92 18.92 27.68
C GLY C 19 -42.26 17.49 27.31
N SER C 20 -42.89 17.30 26.16
CA SER C 20 -43.25 15.96 25.72
C SER C 20 -42.20 15.44 24.74
N VAL C 21 -41.92 14.14 24.81
CA VAL C 21 -40.93 13.52 23.93
C VAL C 21 -41.56 12.77 22.76
N LEU C 22 -41.34 13.26 21.56
CA LEU C 22 -41.89 12.64 20.36
C LEU C 22 -40.84 11.93 19.51
N LEU C 23 -41.16 10.72 19.06
CA LEU C 23 -40.26 9.95 18.22
C LEU C 23 -40.79 9.97 16.78
N THR C 24 -39.87 9.98 15.81
CA THR C 24 -40.27 9.99 14.41
C THR C 24 -39.73 8.76 13.70
N CYS C 25 -40.41 8.35 12.64
CA CYS C 25 -39.98 7.18 11.86
C CYS C 25 -39.77 7.60 10.41
N ASP C 26 -38.56 7.45 9.92
CA ASP C 26 -38.25 7.81 8.54
C ASP C 26 -38.39 6.60 7.64
N ALA C 27 -39.63 6.23 7.34
CA ALA C 27 -39.93 5.10 6.47
C ALA C 27 -41.04 5.46 5.48
N GLU C 28 -41.17 4.68 4.42
CA GLU C 28 -42.18 4.90 3.39
C GLU C 28 -43.58 5.16 3.96
N ALA C 29 -44.05 6.40 3.80
CA ALA C 29 -45.35 6.82 4.31
C ALA C 29 -46.51 5.88 3.97
N LYS C 30 -46.95 5.11 4.96
CA LYS C 30 -48.06 4.16 4.79
C LYS C 30 -48.69 3.83 6.14
N ASN C 31 -48.15 2.83 6.80
CA ASN C 31 -48.63 2.39 8.12
C ASN C 31 -47.44 2.06 8.99
N ILE C 32 -47.22 2.87 10.03
CA ILE C 32 -46.09 2.69 10.93
C ILE C 32 -46.42 1.87 12.18
N THR C 33 -45.60 0.86 12.43
CA THR C 33 -45.76 0.00 13.60
C THR C 33 -44.60 0.29 14.56
N TRP C 34 -44.93 0.66 15.79
CA TRP C 34 -43.90 0.98 16.78
C TRP C 34 -43.67 -0.13 17.80
N PHE C 35 -42.43 -0.25 18.25
CA PHE C 35 -42.06 -1.27 19.23
C PHE C 35 -41.23 -0.70 20.36
N LYS C 36 -41.30 -1.34 21.51
CA LYS C 36 -40.52 -0.94 22.67
C LYS C 36 -40.01 -2.20 23.33
N ASP C 37 -38.69 -2.31 23.44
CA ASP C 37 -38.07 -3.47 24.04
C ASP C 37 -38.63 -4.76 23.43
N GLY C 38 -38.80 -4.75 22.11
CA GLY C 38 -39.30 -5.93 21.43
C GLY C 38 -40.79 -6.07 21.21
N LYS C 39 -41.60 -5.56 22.14
CA LYS C 39 -43.04 -5.69 21.98
C LYS C 39 -43.72 -4.51 21.29
N MET C 40 -44.75 -4.80 20.51
CA MET C 40 -45.50 -3.80 19.78
C MET C 40 -46.25 -2.90 20.76
N ILE C 41 -46.11 -1.59 20.57
CA ILE C 41 -46.77 -0.64 21.45
C ILE C 41 -47.71 0.25 20.68
N GLY C 42 -47.76 0.08 19.37
CA GLY C 42 -48.64 0.91 18.58
C GLY C 42 -48.63 0.60 17.09
N PHE C 43 -49.73 0.95 16.43
CA PHE C 43 -49.89 0.74 15.00
C PHE C 43 -50.55 1.98 14.46
N LEU C 44 -49.84 2.76 13.67
CA LEU C 44 -50.39 3.97 13.12
C LEU C 44 -50.84 3.79 11.67
N THR C 45 -52.15 3.80 11.48
CA THR C 45 -52.74 3.65 10.16
C THR C 45 -52.94 5.02 9.57
N GLU C 46 -52.02 5.42 8.69
CA GLU C 46 -52.08 6.72 8.04
C GLU C 46 -52.15 7.85 9.08
N ASP C 47 -52.79 8.95 8.72
CA ASP C 47 -52.91 10.12 9.60
C ASP C 47 -51.62 10.43 10.38
N LYS C 48 -51.65 10.26 11.70
CA LYS C 48 -50.45 10.52 12.51
C LYS C 48 -49.34 9.53 12.20
N LYS C 49 -48.11 9.90 12.53
CA LYS C 49 -46.95 9.04 12.29
C LYS C 49 -45.92 9.14 13.41
N LYS C 50 -45.94 10.23 14.15
CA LYS C 50 -45.01 10.42 15.26
C LYS C 50 -45.54 9.68 16.48
N TRP C 51 -44.62 9.19 17.31
CA TRP C 51 -45.02 8.46 18.52
C TRP C 51 -44.70 9.27 19.75
N ASN C 52 -45.73 9.50 20.58
CA ASN C 52 -45.56 10.27 21.81
C ASN C 52 -45.20 9.39 23.01
N LEU C 53 -44.11 9.75 23.69
CA LEU C 53 -43.66 8.98 24.85
C LEU C 53 -44.11 9.63 26.16
N GLY C 54 -44.76 10.79 26.04
CA GLY C 54 -45.22 11.49 27.23
C GLY C 54 -44.23 12.57 27.61
N SER C 55 -44.44 13.18 28.77
CA SER C 55 -43.56 14.25 29.24
C SER C 55 -42.17 13.74 29.59
N ASN C 56 -41.17 14.53 29.26
CA ASN C 56 -39.78 14.20 29.53
C ASN C 56 -39.56 14.09 31.04
N ALA C 57 -40.57 14.48 31.81
CA ALA C 57 -40.48 14.45 33.27
C ALA C 57 -40.59 13.05 33.85
N LYS C 58 -41.22 12.14 33.13
CA LYS C 58 -41.38 10.77 33.62
C LYS C 58 -40.21 9.86 33.20
N ASP C 59 -39.10 10.49 32.80
CA ASP C 59 -37.91 9.76 32.38
C ASP C 59 -38.17 8.60 31.42
N PRO C 60 -38.68 8.90 30.22
CA PRO C 60 -38.93 7.79 29.30
C PRO C 60 -37.61 7.10 28.95
N ARG C 61 -37.62 5.77 28.90
CA ARG C 61 -36.42 5.01 28.58
C ARG C 61 -36.80 3.71 27.88
N GLY C 62 -35.92 3.22 27.03
CA GLY C 62 -36.21 1.98 26.32
C GLY C 62 -35.60 1.91 24.93
N MET C 63 -35.66 0.71 24.36
CA MET C 63 -35.14 0.43 23.02
C MET C 63 -36.34 0.56 22.07
N TYR C 64 -36.41 1.66 21.34
CA TYR C 64 -37.52 1.87 20.41
C TYR C 64 -37.15 1.70 18.95
N GLN C 65 -38.01 1.05 18.19
CA GLN C 65 -37.78 0.87 16.78
C GLN C 65 -39.10 0.88 16.03
N CYS C 66 -39.07 1.30 14.77
CA CYS C 66 -40.27 1.36 13.98
C CYS C 66 -40.21 0.45 12.77
N LYS C 67 -41.30 0.40 12.02
CA LYS C 67 -41.38 -0.45 10.84
C LYS C 67 -42.49 -0.04 9.91
N GLY C 68 -42.15 0.15 8.64
CA GLY C 68 -43.14 0.51 7.65
C GLY C 68 -43.50 -0.73 6.86
N SER C 69 -43.27 -0.68 5.55
CA SER C 69 -43.58 -1.82 4.69
C SER C 69 -42.45 -2.84 4.65
N GLN C 70 -41.25 -2.41 5.05
CA GLN C 70 -40.08 -3.29 5.06
C GLN C 70 -39.82 -3.93 6.41
N ASN C 71 -38.53 -4.08 6.75
CA ASN C 71 -38.12 -4.69 8.01
C ASN C 71 -38.05 -3.64 9.13
N LYS C 72 -37.89 -4.13 10.36
CA LYS C 72 -37.78 -3.24 11.51
C LYS C 72 -36.54 -2.39 11.35
N SER C 73 -36.59 -1.19 11.92
CA SER C 73 -35.45 -0.28 11.89
C SER C 73 -34.60 -0.69 13.07
N LYS C 74 -33.38 -0.19 13.13
CA LYS C 74 -32.51 -0.50 14.25
C LYS C 74 -33.14 0.24 15.43
N PRO C 75 -32.83 -0.19 16.65
CA PRO C 75 -33.42 0.53 17.78
C PRO C 75 -32.75 1.86 18.02
N LEU C 76 -33.40 2.69 18.83
CA LEU C 76 -32.86 3.97 19.24
C LEU C 76 -33.04 3.87 20.74
N GLN C 77 -31.93 3.76 21.48
CA GLN C 77 -32.03 3.65 22.92
C GLN C 77 -32.24 5.05 23.48
N VAL C 78 -33.42 5.28 24.05
CA VAL C 78 -33.75 6.56 24.64
C VAL C 78 -33.48 6.48 26.13
N TYR C 79 -32.85 7.51 26.68
CA TYR C 79 -32.54 7.54 28.10
C TYR C 79 -32.70 8.94 28.67
N TYR C 80 -33.81 9.18 29.35
CA TYR C 80 -34.08 10.47 29.97
C TYR C 80 -33.91 10.40 31.48
N ARG C 81 -33.40 11.48 32.06
CA ARG C 81 -33.24 11.55 33.51
C ARG C 81 -33.31 13.01 33.92
N MET C 82 -34.53 13.51 34.05
CA MET C 82 -34.76 14.90 34.41
C MET C 82 -35.08 15.01 35.90
N GLN C 119 -30.83 -7.37 23.29
CA GLN C 119 -29.55 -6.78 22.81
C GLN C 119 -28.98 -5.84 23.85
N THR C 120 -27.77 -6.13 24.31
CA THR C 120 -27.09 -5.33 25.34
C THR C 120 -27.07 -3.84 25.00
N PRO C 121 -27.65 -3.02 25.88
CA PRO C 121 -27.73 -1.57 25.68
C PRO C 121 -26.61 -0.77 26.35
N TYR C 122 -26.50 0.51 26.00
CA TYR C 122 -25.51 1.38 26.59
C TYR C 122 -25.85 1.51 28.07
N LYS C 123 -24.83 1.48 28.92
CA LYS C 123 -25.06 1.64 30.35
C LYS C 123 -24.80 3.12 30.66
N VAL C 124 -25.72 3.72 31.40
CA VAL C 124 -25.62 5.12 31.77
C VAL C 124 -25.54 5.24 33.28
N SER C 125 -24.56 5.99 33.76
CA SER C 125 -24.39 6.20 35.19
C SER C 125 -24.23 7.67 35.49
N ILE C 126 -24.96 8.14 36.49
CA ILE C 126 -24.89 9.54 36.88
C ILE C 126 -24.40 9.60 38.31
N SER C 127 -23.38 10.42 38.55
CA SER C 127 -22.82 10.59 39.89
C SER C 127 -22.59 12.07 40.09
N GLY C 128 -23.49 12.71 40.83
CA GLY C 128 -23.35 14.13 41.06
C GLY C 128 -23.59 14.85 39.75
N THR C 129 -22.53 15.37 39.15
CA THR C 129 -22.63 16.11 37.89
C THR C 129 -21.84 15.41 36.78
N THR C 130 -21.43 14.19 37.04
CA THR C 130 -20.67 13.40 36.07
C THR C 130 -21.50 12.31 35.44
N VAL C 131 -21.50 12.27 34.12
CA VAL C 131 -22.27 11.26 33.39
C VAL C 131 -21.30 10.30 32.70
N ILE C 132 -21.44 9.01 32.99
CA ILE C 132 -20.57 7.99 32.40
C ILE C 132 -21.34 7.07 31.47
N LEU C 133 -20.81 6.87 30.28
CA LEU C 133 -21.43 5.99 29.30
C LEU C 133 -20.53 4.79 29.06
N THR C 134 -21.11 3.61 28.94
CA THR C 134 -20.35 2.41 28.70
C THR C 134 -20.79 1.76 27.40
N CYS C 135 -19.84 1.54 26.50
CA CYS C 135 -20.11 0.92 25.20
C CYS C 135 -20.57 -0.52 25.41
N PRO C 136 -21.68 -0.92 24.75
CA PRO C 136 -22.27 -2.26 24.82
C PRO C 136 -21.38 -3.38 24.30
N GLN C 137 -20.72 -3.12 23.17
CA GLN C 137 -19.83 -4.09 22.55
C GLN C 137 -18.38 -3.61 22.63
N TYR C 138 -17.60 -4.19 23.54
CA TYR C 138 -16.21 -3.78 23.69
C TYR C 138 -15.26 -4.95 23.56
N PRO C 139 -15.11 -5.52 22.35
CA PRO C 139 -14.23 -6.65 22.05
C PRO C 139 -12.75 -6.42 22.31
N GLY C 140 -12.43 -5.38 23.06
CA GLY C 140 -11.04 -5.10 23.37
C GLY C 140 -10.36 -4.24 22.30
N SER C 141 -11.08 -3.92 21.24
CA SER C 141 -10.53 -3.08 20.18
C SER C 141 -10.73 -1.62 20.55
N GLU C 142 -10.00 -0.72 19.88
CA GLU C 142 -10.08 0.72 20.17
C GLU C 142 -11.46 1.32 19.94
N ILE C 143 -12.10 1.71 21.03
CA ILE C 143 -13.44 2.29 21.02
C ILE C 143 -13.42 3.81 20.84
N LEU C 144 -14.14 4.29 19.85
CA LEU C 144 -14.25 5.72 19.57
C LEU C 144 -15.69 6.15 19.81
N TRP C 145 -15.90 7.45 20.04
CA TRP C 145 -17.23 7.98 20.30
C TRP C 145 -17.57 9.21 19.46
N GLN C 146 -18.87 9.44 19.30
CA GLN C 146 -19.35 10.59 18.58
C GLN C 146 -20.59 11.11 19.28
N HIS C 147 -20.72 12.43 19.32
CA HIS C 147 -21.87 13.09 19.92
C HIS C 147 -22.42 13.95 18.79
N ASN C 148 -23.68 13.74 18.44
CA ASN C 148 -24.29 14.49 17.35
C ASN C 148 -23.34 14.66 16.18
N ASP C 149 -22.88 13.54 15.63
CA ASP C 149 -21.99 13.50 14.49
C ASP C 149 -20.63 14.20 14.65
N LYS C 150 -20.12 14.28 15.86
CA LYS C 150 -18.82 14.90 16.09
C LYS C 150 -18.02 14.06 17.08
N ASN C 151 -16.79 13.72 16.72
CA ASN C 151 -15.95 12.91 17.60
C ASN C 151 -15.73 13.56 18.95
N ILE C 152 -15.62 12.74 19.99
CA ILE C 152 -15.36 13.23 21.34
C ILE C 152 -14.63 12.16 22.14
N GLY C 153 -13.88 12.58 23.14
CA GLY C 153 -13.15 11.65 23.97
C GLY C 153 -11.79 11.29 23.40
N GLY C 154 -11.39 11.99 22.35
CA GLY C 154 -10.10 11.70 21.74
C GLY C 154 -8.96 12.55 22.28
N ASP C 155 -9.10 13.86 22.20
CA ASP C 155 -8.07 14.78 22.66
C ASP C 155 -7.95 14.84 24.19
N GLU C 156 -6.72 14.81 24.67
CA GLU C 156 -6.46 14.89 26.10
C GLU C 156 -6.62 16.33 26.56
N ASP C 157 -6.82 17.24 25.62
CA ASP C 157 -6.96 18.66 25.91
C ASP C 157 -8.28 19.06 26.58
N ASP C 158 -9.06 18.07 27.01
CA ASP C 158 -10.34 18.35 27.66
C ASP C 158 -10.39 17.63 29.00
N LYS C 159 -10.34 18.41 30.08
CA LYS C 159 -10.38 17.87 31.43
C LYS C 159 -11.72 17.24 31.80
N ASN C 160 -12.79 17.71 31.18
CA ASN C 160 -14.13 17.21 31.48
C ASN C 160 -14.68 16.11 30.56
N ILE C 161 -13.86 15.62 29.65
CA ILE C 161 -14.28 14.55 28.75
C ILE C 161 -13.17 13.52 28.62
N GLY C 162 -13.35 12.38 29.29
CA GLY C 162 -12.34 11.35 29.25
C GLY C 162 -12.83 10.02 28.70
N SER C 163 -11.94 9.32 28.03
CA SER C 163 -12.24 8.02 27.45
C SER C 163 -11.31 6.98 28.07
N ASP C 164 -11.88 5.99 28.75
CA ASP C 164 -11.10 4.95 29.40
C ASP C 164 -11.65 3.59 28.96
N GLU C 165 -11.01 2.98 27.97
CA GLU C 165 -11.46 1.70 27.44
C GLU C 165 -12.89 1.84 26.90
N ASP C 166 -13.81 1.06 27.42
CA ASP C 166 -15.21 1.12 26.95
C ASP C 166 -16.07 2.13 27.71
N HIS C 167 -15.44 3.09 28.38
CA HIS C 167 -16.17 4.09 29.16
C HIS C 167 -15.88 5.55 28.79
N LEU C 168 -16.95 6.31 28.55
CA LEU C 168 -16.81 7.72 28.22
C LEU C 168 -17.30 8.52 29.42
N SER C 169 -16.44 9.37 29.97
CA SER C 169 -16.80 10.17 31.13
C SER C 169 -17.04 11.63 30.78
N LEU C 170 -18.17 12.16 31.25
CA LEU C 170 -18.52 13.54 30.98
C LEU C 170 -18.69 14.27 32.31
N LYS C 171 -17.69 15.07 32.67
CA LYS C 171 -17.74 15.82 33.91
C LYS C 171 -18.44 17.16 33.70
N GLU C 172 -19.11 17.63 34.75
CA GLU C 172 -19.84 18.90 34.68
C GLU C 172 -20.78 18.89 33.48
N PHE C 173 -21.50 17.78 33.34
CA PHE C 173 -22.43 17.58 32.24
C PHE C 173 -23.38 18.75 32.01
N SER C 174 -23.39 19.26 30.78
CA SER C 174 -24.28 20.38 30.43
C SER C 174 -25.52 19.83 29.73
N GLU C 175 -26.68 19.96 30.37
CA GLU C 175 -27.94 19.46 29.82
C GLU C 175 -28.26 19.90 28.40
N LEU C 176 -28.23 21.21 28.16
CA LEU C 176 -28.54 21.75 26.84
C LEU C 176 -27.41 21.61 25.82
N GLU C 177 -26.19 21.42 26.30
CA GLU C 177 -25.03 21.31 25.42
C GLU C 177 -24.60 19.88 25.09
N GLN C 178 -24.69 18.97 26.07
CA GLN C 178 -24.24 17.60 25.87
C GLN C 178 -25.34 16.53 25.75
N SER C 179 -26.60 16.93 25.79
CA SER C 179 -27.66 15.95 25.62
C SER C 179 -27.68 15.75 24.12
N GLY C 180 -28.20 14.60 23.67
CA GLY C 180 -28.24 14.34 22.25
C GLY C 180 -27.91 12.91 21.93
N TYR C 181 -27.51 12.65 20.69
CA TYR C 181 -27.18 11.31 20.24
C TYR C 181 -25.74 10.93 20.49
N TYR C 182 -25.54 9.70 20.96
CA TYR C 182 -24.22 9.18 21.22
C TYR C 182 -24.07 7.82 20.56
N VAL C 183 -22.85 7.50 20.16
CA VAL C 183 -22.58 6.20 19.56
C VAL C 183 -21.11 5.85 19.74
N CYS C 184 -20.84 4.57 19.97
CA CYS C 184 -19.46 4.10 20.10
C CYS C 184 -19.26 3.14 18.94
N TYR C 185 -18.04 3.14 18.39
CA TYR C 185 -17.73 2.28 17.26
C TYR C 185 -16.24 1.99 17.26
N PRO C 186 -15.84 0.84 16.72
CA PRO C 186 -14.42 0.52 16.70
C PRO C 186 -13.69 1.22 15.54
N ARG C 187 -12.47 1.63 15.80
CA ARG C 187 -11.66 2.30 14.79
C ARG C 187 -11.72 1.48 13.51
N GLY C 188 -11.94 2.15 12.39
CA GLY C 188 -12.01 1.46 11.12
C GLY C 188 -13.43 1.23 10.60
N SER C 189 -14.41 1.14 11.51
CA SER C 189 -15.80 0.92 11.11
C SER C 189 -16.57 2.23 11.00
N LYS C 190 -17.72 2.18 10.33
CA LYS C 190 -18.54 3.39 10.20
C LYS C 190 -19.49 3.48 11.40
N PRO C 191 -19.67 4.68 11.96
CA PRO C 191 -20.58 4.83 13.10
C PRO C 191 -21.97 4.32 12.75
N GLU C 192 -22.38 4.54 11.50
CA GLU C 192 -23.70 4.13 11.03
C GLU C 192 -23.92 2.62 11.10
N ASP C 193 -22.84 1.85 11.20
CA ASP C 193 -23.02 0.40 11.28
C ASP C 193 -23.22 -0.08 12.72
N ALA C 194 -23.32 0.86 13.66
CA ALA C 194 -23.55 0.50 15.05
C ALA C 194 -24.94 -0.12 15.12
N ASN C 195 -25.13 -1.04 16.06
CA ASN C 195 -26.42 -1.71 16.22
C ASN C 195 -27.54 -0.73 16.57
N PHE C 196 -27.16 0.40 17.17
CA PHE C 196 -28.14 1.42 17.56
C PHE C 196 -27.45 2.58 18.24
N TYR C 197 -28.06 3.77 18.16
CA TYR C 197 -27.51 4.95 18.80
C TYR C 197 -28.19 5.14 20.15
N LEU C 198 -27.60 5.99 20.97
CA LEU C 198 -28.16 6.33 22.28
C LEU C 198 -28.60 7.78 22.25
N TYR C 199 -29.81 8.06 22.71
CA TYR C 199 -30.26 9.43 22.79
C TYR C 199 -30.27 9.73 24.29
N LEU C 200 -29.39 10.61 24.72
CA LEU C 200 -29.28 10.96 26.12
C LEU C 200 -29.78 12.36 26.44
N ARG C 201 -30.65 12.44 27.45
CA ARG C 201 -31.21 13.70 27.91
C ARG C 201 -31.18 13.62 29.42
N ALA C 202 -30.37 14.48 30.04
CA ALA C 202 -30.27 14.44 31.49
C ALA C 202 -30.07 15.81 32.13
N ARG C 203 -30.81 16.03 33.21
CA ARG C 203 -30.70 17.28 33.96
C ARG C 203 -29.85 16.92 35.17
N VAL C 204 -28.70 17.57 35.27
CA VAL C 204 -27.77 17.30 36.37
C VAL C 204 -27.28 18.59 37.01
#